data_1O8B
#
_entry.id   1O8B
#
_cell.length_a   42.049
_cell.length_b   42.400
_cell.length_c   60.195
_cell.angle_alpha   90.23
_cell.angle_beta   100.98
_cell.angle_gamma   98.98
#
_symmetry.space_group_name_H-M   'P 1'
#
loop_
_entity.id
_entity.type
_entity.pdbx_description
1 polymer 'RIBOSE 5-PHOSPHATE ISOMERASE'
2 non-polymer 5-O-phosphono-beta-D-arabinofuranose
3 water water
#
_entity_poly.entity_id   1
_entity_poly.type   'polypeptide(L)'
_entity_poly.pdbx_seq_one_letter_code
;(MSE)TQDELKKAVGWAALQYVQPGTIVGVGTGSTAAHFIDALGT(MSE)KGQIEGAVSSSDASTEKLKSLGIHVFDLNE
VDSLGIYVDGADEINGH(MSE)Q(MSE)IKGGGAALTREKIIASVAEKFICIADASKQVDILGKFPLPVEVIP(MSE)AR
SAVARQLVKLGGRPEYRQGVVTDNGNVILDVHG(MSE)EILDPIA(MSE)ENAINAIPGVVTVGLFANRGADVALIGTPD
GVKTIVK
;
_entity_poly.pdbx_strand_id   A,B
#
# COMPACT_ATOMS: atom_id res chain seq x y z
N ILE A 23 -13.55 2.75 28.02
CA ILE A 23 -12.30 2.36 27.30
C ILE A 23 -11.67 3.56 26.60
N VAL A 24 -10.54 3.99 27.09
CA VAL A 24 -9.96 5.19 26.52
C VAL A 24 -8.76 4.87 25.64
N GLY A 25 -8.65 5.57 24.51
CA GLY A 25 -7.50 5.42 23.64
C GLY A 25 -6.37 6.27 24.22
N VAL A 26 -5.24 5.62 24.47
CA VAL A 26 -4.11 6.26 25.14
C VAL A 26 -2.83 6.26 24.27
N GLY A 27 -2.23 7.45 24.08
CA GLY A 27 -1.00 7.61 23.28
C GLY A 27 0.36 7.19 23.90
N THR A 28 1.45 7.65 23.26
CA THR A 28 2.85 7.29 23.58
C THR A 28 3.71 8.55 23.50
N GLY A 29 4.90 8.48 24.09
CA GLY A 29 5.80 9.63 24.12
C GLY A 29 5.86 10.30 25.48
N SER A 30 6.79 11.27 25.60
CA SER A 30 7.02 11.91 26.89
C SER A 30 5.77 12.63 27.38
N THR A 31 4.99 13.17 26.46
CA THR A 31 3.82 13.90 26.88
C THR A 31 2.70 12.98 27.37
N GLU A 47 -13.08 1.18 33.08
CA GLU A 47 -13.02 -0.10 32.30
C GLU A 47 -11.62 -0.50 31.88
N GLY A 48 -10.94 0.38 31.16
CA GLY A 48 -9.59 0.10 30.75
C GLY A 48 -9.20 0.97 29.57
N ALA A 49 -8.26 0.51 28.78
CA ALA A 49 -7.77 1.37 27.71
C ALA A 49 -7.35 0.55 26.48
N VAL A 50 -7.09 1.29 25.39
CA VAL A 50 -6.43 0.72 24.24
C VAL A 50 -5.17 1.58 24.15
N SER A 51 -4.02 0.91 24.04
CA SER A 51 -2.71 1.59 24.17
C SER A 51 -1.92 1.64 22.88
N SER A 52 -1.26 2.75 22.59
CA SER A 52 -0.50 2.85 21.33
C SER A 52 0.94 2.33 21.35
N SER A 53 1.42 1.87 22.50
CA SER A 53 2.77 1.34 22.53
C SER A 53 2.92 0.38 23.68
N ASP A 54 3.85 -0.55 23.53
CA ASP A 54 4.16 -1.51 24.57
C ASP A 54 4.69 -0.72 25.77
N ALA A 55 5.36 0.39 25.49
CA ALA A 55 5.83 1.27 26.56
C ALA A 55 4.60 1.77 27.33
N PHE A 68 -7.20 -3.46 26.59
CA PHE A 68 -7.80 -4.22 25.46
C PHE A 68 -6.97 -4.13 24.21
N ASP A 69 -7.00 -5.21 23.43
CA ASP A 69 -6.46 -5.13 22.08
C ASP A 69 -7.48 -4.36 21.25
N LEU A 70 -7.05 -3.59 20.26
CA LEU A 70 -8.01 -2.84 19.46
C LEU A 70 -9.06 -3.70 18.79
N ASN A 71 -8.71 -4.91 18.32
CA ASN A 71 -9.70 -5.78 17.67
C ASN A 71 -10.85 -6.17 18.61
N GLU A 72 -10.69 -5.98 19.92
CA GLU A 72 -11.73 -6.30 20.91
C GLU A 72 -12.79 -5.23 21.04
N VAL A 73 -12.54 -4.06 20.47
CA VAL A 73 -13.52 -2.99 20.59
C VAL A 73 -14.01 -2.58 19.20
N ASP A 74 -15.19 -1.98 19.13
CA ASP A 74 -15.65 -1.48 17.85
C ASP A 74 -15.69 0.04 17.82
N SER A 75 -15.33 0.69 18.92
CA SER A 75 -15.33 2.14 19.01
C SER A 75 -14.53 2.56 20.23
N LEU A 76 -13.95 3.75 20.19
CA LEU A 76 -13.30 4.37 21.34
C LEU A 76 -13.87 5.77 21.46
N GLY A 77 -14.20 6.20 22.67
CA GLY A 77 -14.70 7.56 22.84
C GLY A 77 -13.66 8.60 22.42
N ILE A 78 -12.47 8.50 23.00
CA ILE A 78 -11.39 9.45 22.69
C ILE A 78 -10.07 8.70 22.58
N TYR A 79 -9.15 9.39 21.95
CA TYR A 79 -7.75 8.97 21.84
C TYR A 79 -6.94 10.19 22.25
N VAL A 80 -6.14 10.07 23.30
CA VAL A 80 -5.37 11.19 23.84
C VAL A 80 -3.89 10.96 23.52
N ASP A 81 -3.28 11.85 22.74
CA ASP A 81 -1.90 11.60 22.34
C ASP A 81 -1.24 12.91 22.00
N GLY A 82 0.09 12.87 21.90
CA GLY A 82 0.87 14.03 21.53
C GLY A 82 1.04 14.12 20.03
N ALA A 83 1.90 15.03 19.61
CA ALA A 83 2.21 15.16 18.18
C ALA A 83 3.57 15.80 18.04
N ASP A 84 4.21 15.62 16.90
CA ASP A 84 5.45 16.31 16.61
C ASP A 84 5.14 17.73 16.14
N GLU A 85 4.07 17.92 15.39
CA GLU A 85 3.62 19.25 14.97
C GLU A 85 2.13 19.23 14.87
N ILE A 86 1.50 20.38 15.11
CA ILE A 86 0.06 20.55 14.88
C ILE A 86 -0.12 21.94 14.29
N ASN A 87 -0.93 22.00 13.23
CA ASN A 87 -1.13 23.30 12.58
C ASN A 87 -2.44 23.93 12.98
N GLY A 88 -2.73 25.08 12.36
CA GLY A 88 -3.94 25.86 12.66
C GLY A 88 -5.21 25.16 12.20
N HIS A 89 -5.08 24.17 11.34
CA HIS A 89 -6.22 23.39 10.85
C HIS A 89 -6.35 22.09 11.67
N GLN A 91 -4.25 19.73 11.90
CA GLN A 91 -3.62 18.60 11.21
C GLN A 91 -2.28 18.39 11.85
N ILE A 93 1.72 16.24 12.25
CA ILE A 93 2.75 15.24 11.92
C ILE A 93 3.02 14.45 13.22
N LYS A 94 3.01 13.12 13.07
CA LYS A 94 3.30 12.21 14.15
C LYS A 94 4.22 11.11 13.62
N GLY A 95 4.80 10.34 14.53
CA GLY A 95 5.65 9.23 14.15
C GLY A 95 7.14 9.45 14.34
N GLY A 96 7.54 10.63 14.85
CA GLY A 96 8.95 10.87 15.13
C GLY A 96 9.52 9.81 16.07
N GLY A 97 8.67 9.24 16.91
CA GLY A 97 9.04 8.17 17.83
C GLY A 97 8.72 6.77 17.30
N ALA A 99 4.14 3.07 18.15
CA ALA A 99 4.49 4.22 17.26
C ALA A 99 3.61 4.49 16.04
N LEU A 100 4.18 5.01 14.98
CA LEU A 100 3.40 5.61 13.93
C LEU A 100 2.14 4.85 13.48
N THR A 101 2.31 3.63 13.06
CA THR A 101 1.20 2.87 12.56
C THR A 101 0.12 2.55 13.62
N ARG A 102 0.57 2.08 14.78
CA ARG A 102 -0.37 1.79 15.85
C ARG A 102 -1.20 3.04 16.21
N GLU A 103 -0.53 4.19 16.31
CA GLU A 103 -1.19 5.45 16.68
C GLU A 103 -2.24 5.83 15.65
N LYS A 104 -1.94 5.71 14.36
CA LYS A 104 -2.91 6.15 13.38
C LYS A 104 -4.10 5.20 13.31
N ILE A 105 -3.84 3.89 13.46
CA ILE A 105 -4.95 2.96 13.49
C ILE A 105 -5.88 3.25 14.72
N ILE A 106 -5.33 3.42 15.92
CA ILE A 106 -6.17 3.64 17.07
C ILE A 106 -6.94 4.95 16.86
N ALA A 107 -6.28 5.98 16.36
CA ALA A 107 -6.96 7.26 16.11
C ALA A 107 -8.12 7.14 15.14
N SER A 108 -8.03 6.19 14.23
CA SER A 108 -9.11 5.97 13.26
C SER A 108 -10.35 5.39 13.87
N VAL A 109 -10.20 4.73 15.02
CA VAL A 109 -11.33 4.14 15.71
C VAL A 109 -11.96 5.11 16.73
N ALA A 110 -11.19 6.08 17.22
CA ALA A 110 -11.69 6.99 18.24
C ALA A 110 -12.58 8.06 17.63
N GLU A 111 -13.65 8.40 18.34
CA GLU A 111 -14.55 9.46 17.88
C GLU A 111 -13.88 10.83 17.98
N LYS A 112 -13.18 11.06 19.08
CA LYS A 112 -12.49 12.35 19.25
C LYS A 112 -11.02 12.16 19.59
N PHE A 113 -10.19 12.86 18.82
CA PHE A 113 -8.72 12.85 19.02
C PHE A 113 -8.42 14.09 19.87
N ILE A 114 -7.87 13.87 21.06
CA ILE A 114 -7.47 14.97 21.93
C ILE A 114 -5.96 15.08 21.91
N CYS A 115 -5.46 16.11 21.24
CA CYS A 115 -4.03 16.31 21.16
C CYS A 115 -3.51 17.06 22.40
N ILE A 116 -2.48 16.47 22.99
CA ILE A 116 -1.81 17.08 24.13
C ILE A 116 -0.33 17.38 23.80
N ALA A 117 0.04 18.65 23.96
CA ALA A 117 1.38 19.11 23.56
C ALA A 117 1.78 20.39 24.26
N ASP A 118 3.08 20.61 24.43
CA ASP A 118 3.58 21.89 24.90
C ASP A 118 3.48 22.79 23.66
N ALA A 119 3.64 24.09 23.89
CA ALA A 119 3.41 25.07 22.85
C ALA A 119 4.36 24.97 21.65
N SER A 120 5.52 24.36 21.87
CA SER A 120 6.51 24.26 20.83
C SER A 120 6.03 23.49 19.61
N LYS A 121 4.95 22.70 19.76
CA LYS A 121 4.45 21.86 18.66
C LYS A 121 3.56 22.61 17.67
N GLN A 122 3.15 23.80 18.02
CA GLN A 122 2.26 24.57 17.14
C GLN A 122 3.04 25.20 16.01
N VAL A 123 2.56 24.99 14.78
CA VAL A 123 3.21 25.54 13.59
C VAL A 123 2.16 26.07 12.62
N ASP A 124 2.59 26.95 11.72
CA ASP A 124 1.69 27.44 10.67
C ASP A 124 1.64 26.51 9.46
N ILE A 125 2.79 26.00 9.06
CA ILE A 125 2.88 25.11 7.92
C ILE A 125 3.59 23.86 8.40
N LEU A 126 3.00 22.69 8.20
CA LEU A 126 3.63 21.46 8.63
C LEU A 126 4.86 21.20 7.77
N GLY A 127 5.88 20.58 8.36
CA GLY A 127 6.98 20.09 7.56
C GLY A 127 8.40 20.36 8.06
N LYS A 128 8.58 21.34 8.95
CA LYS A 128 9.90 21.58 9.52
C LYS A 128 10.41 20.31 10.23
N PHE A 129 9.55 19.70 11.04
CA PHE A 129 9.84 18.41 11.61
C PHE A 129 9.67 17.36 10.48
N PRO A 130 10.68 16.53 10.25
CA PRO A 130 10.64 15.62 9.09
C PRO A 130 9.46 14.64 9.15
N LEU A 131 8.78 14.49 8.03
CA LEU A 131 7.60 13.62 8.01
C LEU A 131 7.97 12.13 8.00
N PRO A 132 7.58 11.32 8.97
CA PRO A 132 7.84 9.87 8.92
C PRO A 132 6.95 9.13 7.96
N VAL A 133 7.57 8.22 7.21
CA VAL A 133 6.85 7.33 6.31
C VAL A 133 7.34 5.90 6.56
N GLU A 134 6.43 5.00 6.95
CA GLU A 134 6.83 3.61 7.18
C GLU A 134 6.70 2.88 5.83
N VAL A 135 7.76 2.16 5.48
CA VAL A 135 7.85 1.57 4.17
C VAL A 135 8.25 0.11 4.20
N ILE A 136 7.65 -0.67 3.30
CA ILE A 136 8.04 -2.08 3.12
C ILE A 136 9.51 -2.07 2.71
N PRO A 137 10.39 -2.82 3.37
CA PRO A 137 11.81 -2.72 3.05
C PRO A 137 12.20 -2.88 1.58
N ALA A 139 10.75 -1.97 -0.87
CA ALA A 139 10.28 -0.80 -1.65
C ALA A 139 11.04 0.48 -1.30
N ARG A 140 12.02 0.42 -0.42
CA ARG A 140 12.60 1.64 0.13
C ARG A 140 13.07 2.60 -0.98
N SER A 141 13.87 2.14 -1.91
CA SER A 141 14.36 3.07 -2.92
C SER A 141 13.30 3.56 -3.85
N ALA A 142 12.33 2.71 -4.17
CA ALA A 142 11.23 3.13 -5.03
C ALA A 142 10.40 4.20 -4.38
N VAL A 143 10.08 4.02 -3.10
CA VAL A 143 9.30 5.02 -2.40
C VAL A 143 10.11 6.32 -2.27
N ALA A 144 11.38 6.21 -1.94
CA ALA A 144 12.21 7.40 -1.84
C ALA A 144 12.20 8.19 -3.14
N ARG A 145 12.30 7.51 -4.28
CA ARG A 145 12.25 8.24 -5.55
C ARG A 145 10.96 9.05 -5.74
N GLN A 146 9.84 8.48 -5.32
CA GLN A 146 8.59 9.16 -5.49
C GLN A 146 8.48 10.30 -4.48
N LEU A 147 8.99 10.10 -3.27
CA LEU A 147 9.00 11.20 -2.28
C LEU A 147 9.82 12.39 -2.72
N VAL A 148 10.93 12.14 -3.43
CA VAL A 148 11.68 13.24 -4.05
C VAL A 148 10.81 13.96 -5.08
N LYS A 149 10.12 13.18 -5.89
CA LYS A 149 9.24 13.78 -6.89
C LYS A 149 8.16 14.68 -6.24
N LEU A 150 7.69 14.31 -5.07
CA LEU A 150 6.72 15.11 -4.39
C LEU A 150 7.33 16.32 -3.67
N GLY A 151 8.64 16.50 -3.78
CA GLY A 151 9.29 17.65 -3.18
C GLY A 151 10.02 17.47 -1.86
N GLY A 152 10.18 16.24 -1.42
CA GLY A 152 10.91 16.01 -0.17
C GLY A 152 12.29 15.43 -0.36
N ARG A 153 13.00 15.37 0.75
CA ARG A 153 14.32 14.74 0.81
C ARG A 153 14.22 13.63 1.85
N PRO A 154 13.97 12.41 1.39
CA PRO A 154 13.79 11.28 2.30
C PRO A 154 15.12 10.84 2.89
N GLU A 155 15.11 10.51 4.18
CA GLU A 155 16.30 10.05 4.90
C GLU A 155 15.95 8.79 5.66
N TYR A 156 16.59 7.70 5.28
CA TYR A 156 16.39 6.42 5.95
C TYR A 156 16.77 6.55 7.41
N ARG A 157 15.85 6.16 8.29
CA ARG A 157 16.13 6.18 9.73
C ARG A 157 17.03 4.98 10.11
N GLN A 158 18.32 5.22 10.15
CA GLN A 158 19.28 4.14 10.26
C GLN A 158 19.14 3.36 11.56
N GLY A 159 19.17 2.03 11.45
CA GLY A 159 19.23 1.16 12.64
C GLY A 159 17.91 0.99 13.37
N VAL A 160 16.81 1.41 12.76
CA VAL A 160 15.52 1.32 13.37
C VAL A 160 14.62 0.47 12.48
N VAL A 161 13.82 -0.38 13.10
CA VAL A 161 12.78 -1.10 12.39
C VAL A 161 11.49 -0.83 13.18
N THR A 162 10.36 -0.89 12.49
CA THR A 162 9.11 -0.73 13.24
C THR A 162 8.66 -2.09 13.77
N ASP A 163 7.61 -2.05 14.60
CA ASP A 163 7.02 -3.27 15.11
C ASP A 163 6.51 -4.20 14.04
N ASN A 164 6.23 -3.68 12.86
CA ASN A 164 5.81 -4.50 11.72
C ASN A 164 6.94 -5.00 10.86
N GLY A 165 8.19 -4.73 11.27
CA GLY A 165 9.37 -5.14 10.51
C GLY A 165 9.68 -4.26 9.31
N ASN A 166 9.16 -3.04 9.30
CA ASN A 166 9.38 -2.17 8.17
C ASN A 166 10.44 -1.13 8.53
N VAL A 167 10.84 -0.35 7.55
CA VAL A 167 11.76 0.74 7.79
C VAL A 167 11.02 2.07 7.76
N ILE A 168 11.70 3.13 8.16
CA ILE A 168 11.16 4.47 8.13
C ILE A 168 12.05 5.37 7.26
N LEU A 169 11.36 6.12 6.40
CA LEU A 169 11.99 7.23 5.70
C LEU A 169 11.43 8.50 6.34
N ASP A 170 12.34 9.33 6.86
CA ASP A 170 11.90 10.63 7.39
C ASP A 170 12.13 11.65 6.28
N VAL A 171 11.07 12.37 5.93
CA VAL A 171 11.14 13.28 4.77
C VAL A 171 11.34 14.71 5.18
N HIS A 172 12.49 15.25 4.77
CA HIS A 172 12.89 16.60 5.15
C HIS A 172 12.55 17.62 4.07
N GLY A 173 12.38 18.87 4.50
CA GLY A 173 12.33 19.97 3.55
C GLY A 173 11.01 20.25 2.86
N GLU A 175 7.34 21.85 2.59
CA GLU A 175 6.46 22.87 3.14
C GLU A 175 5.10 22.36 2.73
N ILE A 176 4.43 21.70 3.67
CA ILE A 176 3.21 21.02 3.34
C ILE A 176 2.02 21.95 3.45
N LEU A 177 1.70 22.57 2.33
CA LEU A 177 0.69 23.63 2.29
C LEU A 177 -0.70 23.03 2.29
N ASP A 178 -0.82 21.78 1.83
CA ASP A 178 -2.12 21.13 1.75
C ASP A 178 -1.93 19.71 2.26
N PRO A 179 -1.97 19.56 3.58
CA PRO A 179 -1.69 18.26 4.18
C PRO A 179 -2.62 17.12 3.71
N ILE A 180 -3.89 17.35 3.40
CA ILE A 180 -4.70 16.28 2.90
C ILE A 180 -4.19 15.81 1.55
N ALA A 181 -3.87 16.74 0.66
CA ALA A 181 -3.38 16.36 -0.64
C ALA A 181 -2.08 15.58 -0.51
N GLU A 183 -1.02 13.86 2.18
CA GLU A 183 -1.36 12.55 2.77
C GLU A 183 -1.86 11.59 1.72
N ASN A 184 -2.76 12.08 0.88
CA ASN A 184 -3.29 11.25 -0.17
C ASN A 184 -2.23 10.87 -1.18
N ALA A 185 -1.34 11.78 -1.53
CA ALA A 185 -0.28 11.47 -2.50
C ALA A 185 0.67 10.41 -1.97
N ILE A 186 0.99 10.46 -0.67
CA ILE A 186 1.95 9.50 -0.11
C ILE A 186 1.23 8.15 0.09
N ASN A 187 -0.03 8.16 0.50
CA ASN A 187 -0.78 6.92 0.67
C ASN A 187 -1.03 6.21 -0.64
N ALA A 188 -0.85 6.87 -1.76
CA ALA A 188 -1.01 6.28 -3.07
C ALA A 188 0.17 5.47 -3.50
N ILE A 189 1.30 5.63 -2.79
CA ILE A 189 2.55 5.02 -3.27
C ILE A 189 2.66 3.56 -2.84
N PRO A 190 2.71 2.62 -3.79
CA PRO A 190 2.92 1.22 -3.41
C PRO A 190 4.20 1.03 -2.60
N GLY A 191 4.09 0.33 -1.48
CA GLY A 191 5.22 0.17 -0.57
C GLY A 191 5.10 1.03 0.67
N VAL A 192 4.29 2.08 0.61
CA VAL A 192 3.98 2.85 1.83
C VAL A 192 2.98 2.09 2.72
N VAL A 193 3.36 1.96 3.99
CA VAL A 193 2.50 1.32 4.99
C VAL A 193 1.67 2.42 5.62
N THR A 194 2.34 3.43 6.18
CA THR A 194 1.63 4.52 6.84
C THR A 194 2.46 5.77 6.66
N VAL A 195 1.79 6.90 6.56
CA VAL A 195 2.44 8.19 6.52
C VAL A 195 2.00 8.95 7.76
N GLY A 196 2.96 9.60 8.42
CA GLY A 196 2.69 10.33 9.65
C GLY A 196 1.98 11.65 9.53
N LEU A 197 1.20 11.87 8.46
CA LEU A 197 0.29 13.02 8.34
C LEU A 197 -1.06 12.58 8.82
N PHE A 198 -1.55 13.22 9.88
CA PHE A 198 -2.88 13.02 10.37
C PHE A 198 -3.68 14.24 9.87
N ALA A 199 -4.21 14.11 8.66
CA ALA A 199 -4.77 15.27 7.98
C ALA A 199 -6.20 15.01 7.56
N ASN A 200 -6.49 13.87 6.96
CA ASN A 200 -7.89 13.48 6.74
C ASN A 200 -8.59 13.30 8.08
N ARG A 201 -7.85 12.80 9.07
CA ARG A 201 -8.35 12.67 10.42
C ARG A 201 -7.32 13.33 11.34
N GLY A 202 -7.62 14.55 11.73
CA GLY A 202 -6.75 15.33 12.59
C GLY A 202 -7.25 15.40 14.02
N ALA A 203 -6.79 16.38 14.76
CA ALA A 203 -7.23 16.51 16.14
C ALA A 203 -8.61 17.15 16.19
N ASP A 204 -9.40 16.76 17.18
CA ASP A 204 -10.69 17.40 17.39
C ASP A 204 -10.62 18.49 18.43
N VAL A 205 -9.76 18.28 19.42
CA VAL A 205 -9.48 19.22 20.50
C VAL A 205 -7.96 19.22 20.70
N ALA A 206 -7.38 20.39 20.97
CA ALA A 206 -5.96 20.43 21.31
C ALA A 206 -5.82 21.12 22.68
N LEU A 207 -5.01 20.54 23.55
CA LEU A 207 -4.70 21.12 24.84
C LEU A 207 -3.22 21.44 24.80
N ILE A 208 -2.95 22.74 24.91
CA ILE A 208 -1.59 23.25 24.73
C ILE A 208 -1.06 23.86 26.02
N GLY A 209 0.09 23.34 26.45
CA GLY A 209 0.76 23.83 27.65
C GLY A 209 1.60 25.07 27.41
N THR A 210 1.11 26.18 27.96
CA THR A 210 1.79 27.48 27.84
C THR A 210 2.21 28.01 29.20
N PRO A 211 3.05 29.07 29.22
CA PRO A 211 3.47 29.66 30.48
C PRO A 211 2.29 30.14 31.28
N ASP A 212 1.21 30.52 30.58
CA ASP A 212 0.02 31.05 31.23
C ASP A 212 -0.98 30.01 31.67
N GLY A 213 -0.86 28.79 31.15
CA GLY A 213 -1.80 27.74 31.52
C GLY A 213 -2.20 26.91 30.32
N VAL A 214 -3.25 26.11 30.46
CA VAL A 214 -3.75 25.24 29.39
C VAL A 214 -4.81 25.92 28.53
N LYS A 215 -4.47 26.01 27.24
CA LYS A 215 -5.34 26.61 26.24
C LYS A 215 -6.05 25.47 25.52
N THR A 216 -7.38 25.58 25.43
CA THR A 216 -8.18 24.54 24.79
C THR A 216 -8.66 25.05 23.45
N ILE A 217 -8.30 24.35 22.37
CA ILE A 217 -8.75 24.74 21.06
C ILE A 217 -9.61 23.60 20.55
N VAL A 218 -10.85 23.92 20.19
CA VAL A 218 -11.80 22.94 19.68
C VAL A 218 -12.00 23.29 18.22
N THR B 2 -8.02 -25.30 -24.59
CA THR B 2 -8.32 -25.21 -23.12
C THR B 2 -7.93 -23.85 -22.56
N GLN B 3 -8.43 -23.54 -21.37
CA GLN B 3 -8.04 -22.28 -20.72
C GLN B 3 -6.53 -22.23 -20.57
N ASP B 4 -5.91 -23.35 -20.24
CA ASP B 4 -4.45 -23.31 -20.09
C ASP B 4 -3.74 -23.00 -21.41
N GLU B 5 -4.28 -23.45 -22.53
CA GLU B 5 -3.65 -23.14 -23.81
C GLU B 5 -3.83 -21.66 -24.19
N LEU B 6 -4.94 -21.06 -23.76
CA LEU B 6 -5.11 -19.62 -23.90
C LEU B 6 -4.09 -18.88 -23.07
N LYS B 7 -3.84 -19.36 -21.86
CA LYS B 7 -2.81 -18.76 -21.01
C LYS B 7 -1.43 -18.88 -21.64
N LYS B 8 -1.15 -20.04 -22.19
CA LYS B 8 0.13 -20.29 -22.85
C LYS B 8 0.33 -19.33 -24.03
N ALA B 9 -0.73 -19.15 -24.82
CA ALA B 9 -0.67 -18.23 -25.95
C ALA B 9 -0.28 -16.82 -25.53
N VAL B 10 -0.88 -16.31 -24.45
CA VAL B 10 -0.55 -14.95 -24.09
C VAL B 10 0.80 -14.85 -23.41
N GLY B 11 1.15 -15.86 -22.62
CA GLY B 11 2.41 -15.82 -21.93
C GLY B 11 3.55 -15.76 -22.95
N TRP B 12 3.42 -16.54 -24.03
CA TRP B 12 4.45 -16.55 -25.08
C TRP B 12 4.36 -15.33 -25.98
N ALA B 13 3.15 -14.83 -26.23
CA ALA B 13 3.01 -13.62 -27.04
C ALA B 13 3.71 -12.42 -26.39
N ALA B 14 3.82 -12.44 -25.08
CA ALA B 14 4.50 -11.32 -24.39
C ALA B 14 5.99 -11.22 -24.71
N LEU B 15 6.57 -12.28 -25.25
CA LEU B 15 7.99 -12.22 -25.60
C LEU B 15 8.25 -11.15 -26.64
N GLN B 16 7.24 -10.86 -27.45
CA GLN B 16 7.38 -9.80 -28.44
C GLN B 16 7.91 -8.53 -27.79
N TYR B 17 7.57 -8.34 -26.52
CA TYR B 17 7.95 -7.14 -25.79
C TYR B 17 9.31 -7.25 -25.13
N THR B 22 18.18 -6.92 -21.42
CA THR B 22 17.51 -6.02 -20.43
C THR B 22 17.14 -6.79 -19.18
N ILE B 23 16.63 -6.07 -18.20
CA ILE B 23 16.13 -6.72 -17.00
C ILE B 23 14.62 -6.65 -17.07
N VAL B 24 13.99 -7.82 -17.10
CA VAL B 24 12.54 -7.92 -17.27
C VAL B 24 11.76 -8.02 -15.95
N GLY B 25 10.73 -7.23 -15.79
CA GLY B 25 9.82 -7.40 -14.65
C GLY B 25 8.90 -8.61 -14.84
N VAL B 26 8.87 -9.54 -13.88
CA VAL B 26 8.12 -10.80 -14.02
C VAL B 26 7.07 -11.01 -12.94
N GLY B 27 5.84 -11.29 -13.36
CA GLY B 27 4.73 -11.47 -12.44
C GLY B 27 4.61 -12.87 -11.89
N THR B 28 3.41 -13.20 -11.44
CA THR B 28 3.16 -14.43 -10.71
C THR B 28 1.79 -14.95 -11.11
N GLY B 29 1.62 -16.24 -10.92
CA GLY B 29 0.36 -16.90 -11.19
C GLY B 29 0.47 -17.82 -12.37
N SER B 30 -0.63 -18.50 -12.70
CA SER B 30 -0.60 -19.54 -13.74
C SER B 30 -0.38 -19.00 -15.16
N THR B 31 -0.77 -17.75 -15.40
CA THR B 31 -0.55 -17.18 -16.72
C THR B 31 0.91 -16.74 -16.81
N ALA B 32 1.37 -16.06 -15.77
CA ALA B 32 2.74 -15.62 -15.72
C ALA B 32 3.69 -16.80 -15.82
N ALA B 33 3.29 -17.99 -15.34
CA ALA B 33 4.16 -19.14 -15.39
C ALA B 33 4.53 -19.46 -16.83
N HIS B 34 3.58 -19.29 -17.75
CA HIS B 34 3.85 -19.53 -19.13
C HIS B 34 4.82 -18.51 -19.71
N PHE B 35 4.68 -17.26 -19.28
CA PHE B 35 5.64 -16.24 -19.71
C PHE B 35 7.07 -16.59 -19.23
N ILE B 36 7.19 -17.13 -18.03
CA ILE B 36 8.52 -17.51 -17.53
C ILE B 36 9.09 -18.64 -18.42
N ASP B 37 8.27 -19.60 -18.84
CA ASP B 37 8.77 -20.63 -19.77
C ASP B 37 9.33 -19.96 -21.04
N ALA B 38 8.55 -19.02 -21.57
CA ALA B 38 8.92 -18.30 -22.75
C ALA B 38 10.24 -17.56 -22.53
N LEU B 39 10.33 -16.86 -21.41
CA LEU B 39 11.54 -16.13 -21.09
C LEU B 39 12.76 -17.04 -21.02
N GLY B 40 12.57 -18.28 -20.57
CA GLY B 40 13.67 -19.23 -20.57
C GLY B 40 14.35 -19.40 -21.94
N THR B 41 13.60 -19.25 -23.03
CA THR B 41 14.20 -19.39 -24.36
C THR B 41 15.15 -18.26 -24.66
N LYS B 43 17.27 -17.12 -22.19
CA LYS B 43 18.31 -17.26 -21.16
C LYS B 43 19.68 -16.61 -21.49
N GLY B 44 20.12 -16.67 -22.73
CA GLY B 44 21.41 -16.08 -23.08
C GLY B 44 21.33 -14.67 -23.63
N GLN B 45 20.13 -14.10 -23.68
CA GLN B 45 19.91 -12.80 -24.29
C GLN B 45 19.52 -11.67 -23.32
N ILE B 46 19.05 -12.04 -22.13
CA ILE B 46 18.64 -10.99 -21.20
C ILE B 46 19.66 -10.88 -20.10
N GLU B 47 19.63 -9.77 -19.38
CA GLU B 47 20.53 -9.56 -18.26
C GLU B 47 19.93 -10.31 -17.06
N GLY B 48 18.60 -10.31 -16.94
CA GLY B 48 17.99 -11.02 -15.84
C GLY B 48 16.56 -10.55 -15.63
N ALA B 49 16.08 -10.66 -14.40
CA ALA B 49 14.70 -10.27 -14.11
C ALA B 49 14.55 -9.81 -12.67
N VAL B 50 13.43 -9.15 -12.42
CA VAL B 50 12.97 -8.77 -11.10
C VAL B 50 11.66 -9.52 -10.96
N SER B 51 11.50 -10.25 -9.87
CA SER B 51 10.41 -11.18 -9.64
C SER B 51 9.44 -10.77 -8.55
N SER B 52 8.14 -10.99 -8.79
CA SER B 52 7.10 -10.63 -7.85
C SER B 52 6.78 -11.70 -6.83
N SER B 53 7.42 -12.86 -6.89
CA SER B 53 7.13 -13.89 -5.89
C SER B 53 8.27 -14.87 -5.81
N ASP B 54 8.38 -15.52 -4.67
CA ASP B 54 9.38 -16.56 -4.52
C ASP B 54 9.14 -17.72 -5.52
N ALA B 55 7.89 -18.03 -5.86
CA ALA B 55 7.61 -19.09 -6.82
C ALA B 55 8.14 -18.70 -8.18
N SER B 56 7.90 -17.45 -8.58
CA SER B 56 8.46 -17.01 -9.84
C SER B 56 9.97 -16.95 -9.84
N THR B 57 10.55 -16.53 -8.73
CA THR B 57 12.02 -16.51 -8.61
C THR B 57 12.60 -17.91 -8.82
N GLU B 58 12.01 -18.89 -8.15
CA GLU B 58 12.55 -20.26 -8.26
C GLU B 58 12.48 -20.78 -9.70
N LYS B 59 11.34 -20.53 -10.38
CA LYS B 59 11.17 -20.98 -11.75
C LYS B 59 12.17 -20.26 -12.68
N LEU B 60 12.36 -18.96 -12.46
CA LEU B 60 13.28 -18.20 -13.25
C LEU B 60 14.69 -18.77 -13.07
N LYS B 61 15.10 -18.98 -11.82
CA LYS B 61 16.43 -19.49 -11.53
C LYS B 61 16.62 -20.86 -12.19
N SER B 62 15.59 -21.68 -12.19
CA SER B 62 15.69 -23.02 -12.80
C SER B 62 15.95 -22.98 -14.30
N LEU B 63 15.53 -21.91 -14.95
CA LEU B 63 15.73 -21.75 -16.39
C LEU B 63 16.97 -20.93 -16.71
N GLY B 64 17.83 -20.74 -15.70
CA GLY B 64 19.08 -20.02 -15.89
C GLY B 64 18.97 -18.50 -15.99
N ILE B 65 17.90 -17.92 -15.46
CA ILE B 65 17.73 -16.48 -15.49
C ILE B 65 18.07 -15.84 -14.15
N HIS B 66 19.01 -14.89 -14.17
CA HIS B 66 19.42 -14.21 -12.95
C HIS B 66 18.32 -13.31 -12.39
N VAL B 67 18.09 -13.41 -11.09
CA VAL B 67 17.06 -12.61 -10.45
C VAL B 67 17.67 -11.52 -9.55
N PHE B 68 17.40 -10.28 -9.91
CA PHE B 68 17.84 -9.13 -9.15
C PHE B 68 16.77 -8.73 -8.15
N ASP B 69 17.18 -8.13 -7.04
CA ASP B 69 16.20 -7.56 -6.11
C ASP B 69 15.80 -6.24 -6.72
N LEU B 70 14.57 -5.80 -6.46
CA LEU B 70 14.13 -4.51 -6.96
C LEU B 70 15.06 -3.38 -6.53
N ASN B 71 15.63 -3.48 -5.34
CA ASN B 71 16.53 -2.41 -4.88
C ASN B 71 17.85 -2.31 -5.66
N GLU B 72 18.06 -3.23 -6.59
CA GLU B 72 19.26 -3.19 -7.41
C GLU B 72 19.03 -2.41 -8.71
N VAL B 73 17.80 -2.00 -8.96
CA VAL B 73 17.51 -1.22 -10.14
C VAL B 73 16.79 0.05 -9.74
N ASP B 74 16.95 1.10 -10.53
CA ASP B 74 16.21 2.29 -10.22
C ASP B 74 15.20 2.52 -11.31
N SER B 75 14.98 1.51 -12.14
CA SER B 75 14.03 1.59 -13.26
C SER B 75 13.80 0.21 -13.87
N LEU B 76 12.65 -0.01 -14.50
CA LEU B 76 12.36 -1.29 -15.18
C LEU B 76 11.59 -0.97 -16.46
N GLY B 77 12.00 -1.54 -17.59
CA GLY B 77 11.28 -1.26 -18.81
C GLY B 77 9.88 -1.84 -18.84
N ILE B 78 9.75 -3.12 -18.50
CA ILE B 78 8.43 -3.74 -18.57
C ILE B 78 8.21 -4.63 -17.38
N TYR B 79 6.94 -4.86 -17.11
CA TYR B 79 6.52 -5.78 -16.05
C TYR B 79 5.38 -6.57 -16.68
N VAL B 80 5.50 -7.89 -16.74
CA VAL B 80 4.52 -8.74 -17.39
C VAL B 80 3.86 -9.58 -16.30
N ASP B 81 2.55 -9.49 -16.17
CA ASP B 81 1.85 -10.16 -15.06
C ASP B 81 0.41 -10.39 -15.46
N GLY B 82 -0.21 -11.33 -14.75
CA GLY B 82 -1.61 -11.57 -14.92
C GLY B 82 -2.49 -10.66 -14.07
N ALA B 83 -3.78 -10.98 -14.04
CA ALA B 83 -4.73 -10.24 -13.22
C ALA B 83 -5.94 -11.10 -12.95
N ASP B 84 -6.69 -10.78 -11.92
CA ASP B 84 -7.97 -11.46 -11.71
C ASP B 84 -9.09 -10.87 -12.58
N GLU B 85 -9.05 -9.57 -12.81
CA GLU B 85 -10.02 -8.89 -13.69
C GLU B 85 -9.30 -7.74 -14.33
N ILE B 86 -9.72 -7.41 -15.56
CA ILE B 86 -9.26 -6.20 -16.21
C ILE B 86 -10.50 -5.60 -16.91
N ASN B 87 -10.69 -4.29 -16.73
CA ASN B 87 -11.82 -3.61 -17.34
C ASN B 87 -11.42 -2.90 -18.62
N GLY B 88 -12.39 -2.22 -19.23
CA GLY B 88 -12.19 -1.57 -20.52
C GLY B 88 -11.28 -0.36 -20.42
N HIS B 89 -11.06 0.12 -19.20
CA HIS B 89 -10.18 1.24 -18.94
C HIS B 89 -8.76 0.72 -18.58
N GLN B 91 -7.90 -1.03 -16.03
CA GLN B 91 -7.70 -1.09 -14.61
C GLN B 91 -7.94 -2.52 -14.18
N ILE B 93 -8.13 -5.80 -11.04
CA ILE B 93 -8.10 -6.37 -9.68
C ILE B 93 -7.03 -7.47 -9.71
N LYS B 94 -6.14 -7.42 -8.71
CA LYS B 94 -5.05 -8.38 -8.54
C LYS B 94 -4.98 -8.71 -7.07
N GLY B 95 -4.21 -9.75 -6.76
CA GLY B 95 -4.02 -10.16 -5.36
C GLY B 95 -4.80 -11.37 -4.94
N GLY B 96 -5.60 -11.96 -5.84
CA GLY B 96 -6.29 -13.19 -5.56
C GLY B 96 -5.27 -14.21 -5.09
N GLY B 97 -4.07 -14.15 -5.61
CA GLY B 97 -3.08 -15.09 -5.18
C GLY B 97 -2.16 -14.57 -4.09
N ALA B 99 0.31 -12.06 -3.30
CA ALA B 99 1.66 -11.44 -3.60
C ALA B 99 1.39 -10.05 -4.02
N LEU B 100 0.21 -9.62 -3.63
CA LEU B 100 -0.27 -8.36 -3.95
C LEU B 100 0.71 -7.21 -3.73
N THR B 101 1.33 -7.16 -2.57
CA THR B 101 2.20 -6.00 -2.28
C THR B 101 3.45 -5.92 -3.19
N ARG B 102 4.13 -7.05 -3.34
CA ARG B 102 5.30 -7.08 -4.17
C ARG B 102 4.95 -6.73 -5.64
N GLU B 103 3.87 -7.28 -6.16
CA GLU B 103 3.45 -7.04 -7.54
C GLU B 103 3.16 -5.56 -7.71
N LYS B 104 2.49 -4.91 -6.76
CA LYS B 104 2.14 -3.52 -6.95
C LYS B 104 3.36 -2.63 -6.86
N ILE B 105 4.31 -3.00 -5.99
CA ILE B 105 5.54 -2.22 -5.90
C ILE B 105 6.37 -2.37 -7.21
N ILE B 106 6.53 -3.59 -7.71
CA ILE B 106 7.28 -3.71 -8.95
C ILE B 106 6.59 -2.97 -10.10
N ALA B 107 5.26 -3.06 -10.21
CA ALA B 107 4.51 -2.35 -11.22
C ALA B 107 4.69 -0.85 -11.13
N SER B 108 4.95 -0.33 -9.94
CA SER B 108 5.16 1.10 -9.76
C SER B 108 6.47 1.58 -10.29
N VAL B 109 7.41 0.66 -10.45
CA VAL B 109 8.73 1.01 -10.96
C VAL B 109 8.82 0.83 -12.47
N ALA B 110 8.06 -0.13 -13.00
CA ALA B 110 8.09 -0.45 -14.42
C ALA B 110 7.42 0.60 -15.28
N GLU B 111 8.04 0.91 -16.41
CA GLU B 111 7.44 1.88 -17.31
C GLU B 111 6.18 1.34 -17.98
N LYS B 112 6.25 0.09 -18.43
CA LYS B 112 5.17 -0.55 -19.23
C LYS B 112 4.69 -1.81 -18.53
N PHE B 113 3.42 -1.79 -18.12
CA PHE B 113 2.76 -2.94 -17.51
C PHE B 113 2.03 -3.69 -18.62
N ILE B 114 2.45 -4.92 -18.84
CA ILE B 114 1.78 -5.77 -19.83
C ILE B 114 0.98 -6.83 -19.10
N CYS B 115 -0.34 -6.70 -19.17
CA CYS B 115 -1.24 -7.67 -18.60
C CYS B 115 -1.48 -8.83 -19.54
N ILE B 116 -1.19 -10.05 -19.07
CA ILE B 116 -1.45 -11.27 -19.84
C ILE B 116 -2.60 -12.05 -19.18
N ALA B 117 -3.64 -12.36 -19.96
CA ALA B 117 -4.80 -12.98 -19.38
C ALA B 117 -5.60 -13.68 -20.43
N ASP B 118 -6.25 -14.77 -20.04
CA ASP B 118 -7.23 -15.36 -20.93
C ASP B 118 -8.52 -14.49 -20.91
N ALA B 119 -9.41 -14.74 -21.87
CA ALA B 119 -10.59 -13.90 -22.09
C ALA B 119 -11.52 -13.80 -20.90
N SER B 120 -11.52 -14.78 -20.01
CA SER B 120 -12.41 -14.76 -18.85
C SER B 120 -12.11 -13.59 -17.90
N LYS B 121 -10.92 -12.97 -18.00
CA LYS B 121 -10.55 -11.88 -17.10
C LYS B 121 -11.15 -10.52 -17.49
N GLN B 122 -11.68 -10.39 -18.69
CA GLN B 122 -12.26 -9.12 -19.11
C GLN B 122 -13.65 -8.92 -18.51
N VAL B 123 -13.85 -7.78 -17.87
CA VAL B 123 -15.13 -7.44 -17.28
C VAL B 123 -15.45 -5.98 -17.63
N ASP B 124 -16.74 -5.64 -17.62
CA ASP B 124 -17.12 -4.26 -17.81
C ASP B 124 -16.99 -3.44 -16.55
N ILE B 125 -17.41 -4.01 -15.41
CA ILE B 125 -17.33 -3.34 -14.15
C ILE B 125 -16.50 -4.21 -13.19
N LEU B 126 -15.46 -3.66 -12.57
CA LEU B 126 -14.65 -4.47 -11.65
C LEU B 126 -15.47 -4.78 -10.40
N GLY B 127 -15.22 -5.94 -9.80
CA GLY B 127 -15.76 -6.24 -8.49
C GLY B 127 -16.39 -7.57 -8.25
N LYS B 128 -16.76 -8.30 -9.28
CA LYS B 128 -17.33 -9.64 -9.07
C LYS B 128 -16.30 -10.55 -8.41
N PHE B 129 -15.07 -10.52 -8.90
CA PHE B 129 -13.96 -11.16 -8.21
C PHE B 129 -13.67 -10.30 -6.98
N PRO B 130 -13.68 -10.88 -5.79
CA PRO B 130 -13.52 -10.07 -4.58
C PRO B 130 -12.20 -9.31 -4.51
N LEU B 131 -12.27 -8.07 -4.05
CA LEU B 131 -11.05 -7.24 -4.08
C LEU B 131 -10.15 -7.52 -2.85
N PRO B 132 -8.90 -7.95 -3.03
CA PRO B 132 -8.02 -8.20 -1.88
C PRO B 132 -7.51 -6.90 -1.26
N VAL B 133 -7.48 -6.87 0.07
CA VAL B 133 -6.93 -5.73 0.82
C VAL B 133 -6.01 -6.30 1.88
N GLU B 134 -4.72 -5.96 1.81
CA GLU B 134 -3.78 -6.43 2.81
C GLU B 134 -3.79 -5.48 4.03
N VAL B 135 -3.94 -6.03 5.25
CA VAL B 135 -4.21 -5.22 6.42
C VAL B 135 -3.28 -5.61 7.57
N ILE B 136 -2.81 -4.60 8.29
CA ILE B 136 -2.03 -4.83 9.51
C ILE B 136 -2.94 -5.62 10.46
N PRO B 137 -2.46 -6.69 11.05
CA PRO B 137 -3.39 -7.50 11.86
C PRO B 137 -4.20 -6.80 12.95
N ALA B 139 -5.38 -3.99 12.94
CA ALA B 139 -6.36 -3.14 12.28
C ALA B 139 -7.50 -3.91 11.62
N ARG B 140 -7.52 -5.25 11.66
CA ARG B 140 -8.46 -6.00 10.87
C ARG B 140 -9.89 -5.56 11.01
N SER B 141 -10.39 -5.52 12.24
CA SER B 141 -11.79 -5.16 12.47
C SER B 141 -12.08 -3.74 12.11
N ALA B 142 -11.15 -2.84 12.42
CA ALA B 142 -11.36 -1.45 12.07
C ALA B 142 -11.46 -1.26 10.56
N VAL B 143 -10.54 -1.89 9.82
CA VAL B 143 -10.57 -1.74 8.38
C VAL B 143 -11.84 -2.39 7.79
N ALA B 144 -12.25 -3.51 8.36
CA ALA B 144 -13.43 -4.17 7.88
C ALA B 144 -14.64 -3.24 8.05
N ARG B 145 -14.74 -2.55 9.20
CA ARG B 145 -15.88 -1.64 9.38
C ARG B 145 -15.92 -0.57 8.34
N GLN B 146 -14.76 -0.03 7.99
CA GLN B 146 -14.71 1.00 6.96
C GLN B 146 -15.00 0.44 5.57
N LEU B 147 -14.58 -0.78 5.26
CA LEU B 147 -14.90 -1.35 3.96
C LEU B 147 -16.40 -1.60 3.85
N VAL B 148 -17.07 -1.98 4.96
CA VAL B 148 -18.53 -2.04 4.92
C VAL B 148 -19.15 -0.66 4.55
N LYS B 149 -18.63 0.39 5.19
CA LYS B 149 -19.16 1.74 4.94
C LYS B 149 -18.99 2.13 3.49
N LEU B 150 -17.95 1.63 2.86
CA LEU B 150 -17.68 1.91 1.45
C LEU B 150 -18.49 1.04 0.51
N GLY B 151 -19.34 0.18 1.06
CA GLY B 151 -20.21 -0.63 0.22
C GLY B 151 -19.80 -2.07 -0.03
N GLY B 152 -18.79 -2.56 0.68
CA GLY B 152 -18.31 -3.94 0.45
C GLY B 152 -18.67 -4.90 1.56
N ARG B 153 -18.44 -6.18 1.34
CA ARG B 153 -18.60 -7.17 2.39
C ARG B 153 -17.24 -7.81 2.54
N PRO B 154 -16.46 -7.36 3.51
CA PRO B 154 -15.11 -7.92 3.73
C PRO B 154 -15.12 -9.30 4.34
N GLU B 155 -14.33 -10.21 3.77
CA GLU B 155 -14.21 -11.57 4.30
C GLU B 155 -12.74 -11.88 4.57
N TYR B 156 -12.41 -12.16 5.83
CA TYR B 156 -11.06 -12.50 6.24
C TYR B 156 -10.63 -13.78 5.50
N ARG B 157 -9.49 -13.73 4.82
CA ARG B 157 -8.96 -14.87 4.10
C ARG B 157 -8.31 -15.79 5.15
N GLN B 158 -9.11 -16.73 5.62
CA GLN B 158 -8.71 -17.59 6.73
C GLN B 158 -7.48 -18.43 6.47
N GLY B 159 -6.57 -18.42 7.44
CA GLY B 159 -5.38 -19.26 7.39
C GLY B 159 -4.28 -18.82 6.44
N VAL B 160 -4.34 -17.58 5.98
CA VAL B 160 -3.32 -17.07 5.10
C VAL B 160 -2.70 -15.84 5.73
N VAL B 161 -1.40 -15.71 5.55
CA VAL B 161 -0.64 -14.50 5.98
C VAL B 161 0.15 -14.11 4.76
N THR B 162 0.37 -12.80 4.59
CA THR B 162 1.20 -12.36 3.48
C THR B 162 2.67 -12.49 3.85
N ASP B 163 3.49 -12.29 2.82
CA ASP B 163 4.94 -12.28 3.02
C ASP B 163 5.41 -11.23 4.03
N ASN B 164 4.59 -10.18 4.24
CA ASN B 164 4.88 -9.17 5.24
C ASN B 164 4.28 -9.45 6.60
N GLY B 165 3.66 -10.61 6.77
CA GLY B 165 3.07 -10.94 8.06
C GLY B 165 1.70 -10.34 8.29
N ASN B 166 1.05 -9.89 7.25
CA ASN B 166 -0.26 -9.25 7.38
C ASN B 166 -1.39 -10.21 6.99
N VAL B 167 -2.64 -9.77 7.21
CA VAL B 167 -3.76 -10.59 6.83
C VAL B 167 -4.39 -9.96 5.59
N ILE B 168 -5.30 -10.71 4.95
CA ILE B 168 -6.05 -10.25 3.79
C ILE B 168 -7.55 -10.24 4.09
N LEU B 169 -8.20 -9.12 3.78
CA LEU B 169 -9.67 -9.09 3.68
C LEU B 169 -10.01 -9.05 2.20
N ASP B 170 -10.79 -10.01 1.75
CA ASP B 170 -11.31 -10.03 0.36
C ASP B 170 -12.68 -9.41 0.40
N VAL B 171 -12.86 -8.39 -0.42
CA VAL B 171 -14.10 -7.60 -0.34
C VAL B 171 -15.07 -7.95 -1.43
N HIS B 172 -16.20 -8.48 -1.02
CA HIS B 172 -17.19 -8.96 -1.96
C HIS B 172 -18.29 -7.94 -2.19
N GLY B 173 -18.98 -8.07 -3.31
CA GLY B 173 -20.24 -7.36 -3.52
C GLY B 173 -20.14 -5.93 -4.00
N GLU B 175 -19.68 -3.04 -6.83
CA GLU B 175 -19.69 -2.74 -8.25
C GLU B 175 -18.85 -1.48 -8.32
N ILE B 176 -17.60 -1.66 -8.74
CA ILE B 176 -16.67 -0.55 -8.65
C ILE B 176 -16.71 0.28 -9.92
N LEU B 177 -17.57 1.29 -9.89
CA LEU B 177 -17.83 2.11 -11.07
C LEU B 177 -16.70 3.09 -11.27
N ASP B 178 -15.97 3.42 -10.21
CA ASP B 178 -14.91 4.41 -10.33
C ASP B 178 -13.71 3.86 -9.58
N PRO B 179 -12.96 2.98 -10.25
CA PRO B 179 -11.82 2.32 -9.57
C PRO B 179 -10.77 3.27 -8.96
N ILE B 180 -10.43 4.37 -9.60
CA ILE B 180 -9.51 5.28 -8.97
C ILE B 180 -10.07 5.83 -7.65
N ALA B 181 -11.34 6.25 -7.63
CA ALA B 181 -11.92 6.75 -6.41
C ALA B 181 -11.93 5.70 -5.31
N GLU B 183 -9.85 2.99 -5.12
CA GLU B 183 -8.46 2.75 -4.74
C GLU B 183 -8.01 3.81 -3.73
N ASN B 184 -8.31 5.06 -4.02
CA ASN B 184 -7.93 6.17 -3.15
C ASN B 184 -8.63 6.08 -1.80
N ALA B 185 -9.89 5.69 -1.81
CA ALA B 185 -10.68 5.58 -0.58
C ALA B 185 -10.13 4.47 0.31
N ILE B 186 -9.71 3.35 -0.29
CA ILE B 186 -9.20 2.24 0.52
C ILE B 186 -7.78 2.55 0.99
N ASN B 187 -6.97 3.17 0.13
CA ASN B 187 -5.62 3.54 0.53
C ASN B 187 -5.58 4.57 1.67
N ALA B 188 -6.68 5.27 1.87
CA ALA B 188 -6.78 6.27 2.92
C ALA B 188 -6.94 5.68 4.30
N ILE B 189 -7.32 4.40 4.36
CA ILE B 189 -7.69 3.80 5.64
C ILE B 189 -6.48 3.36 6.44
N PRO B 190 -6.28 3.91 7.65
CA PRO B 190 -5.14 3.46 8.46
C PRO B 190 -5.22 1.95 8.73
N GLY B 191 -4.08 1.26 8.58
CA GLY B 191 -4.07 -0.18 8.68
C GLY B 191 -4.06 -0.91 7.34
N VAL B 192 -4.51 -0.25 6.28
CA VAL B 192 -4.36 -0.83 4.94
C VAL B 192 -2.93 -0.72 4.49
N VAL B 193 -2.35 -1.83 4.07
CA VAL B 193 -1.01 -1.83 3.53
C VAL B 193 -1.12 -1.61 2.03
N THR B 194 -1.86 -2.49 1.37
CA THR B 194 -2.03 -2.44 -0.09
C THR B 194 -3.41 -2.89 -0.48
N VAL B 195 -4.00 -2.25 -1.48
CA VAL B 195 -5.30 -2.66 -2.02
C VAL B 195 -5.05 -3.17 -3.41
N GLY B 196 -5.67 -4.30 -3.77
CA GLY B 196 -5.47 -4.92 -5.09
C GLY B 196 -6.18 -4.29 -6.27
N LEU B 197 -6.41 -3.00 -6.19
CA LEU B 197 -6.92 -2.24 -7.30
C LEU B 197 -5.75 -1.57 -7.93
N PHE B 198 -5.52 -1.89 -9.19
CA PHE B 198 -4.46 -1.26 -9.98
C PHE B 198 -5.18 -0.29 -10.89
N ALA B 199 -5.45 0.90 -10.38
CA ALA B 199 -6.33 1.81 -11.10
C ALA B 199 -5.64 3.11 -11.37
N ASN B 200 -4.95 3.71 -10.40
CA ASN B 200 -4.13 4.87 -10.73
C ASN B 200 -3.02 4.47 -11.67
N ARG B 201 -2.50 3.24 -11.52
CA ARG B 201 -1.47 2.69 -12.40
C ARG B 201 -2.04 1.36 -12.86
N GLY B 202 -2.59 1.35 -14.06
CA GLY B 202 -3.20 0.16 -14.63
C GLY B 202 -2.29 -0.45 -15.68
N ALA B 203 -2.87 -1.24 -16.57
CA ALA B 203 -2.08 -1.85 -17.62
C ALA B 203 -1.87 -0.88 -18.80
N ASP B 204 -0.70 -0.99 -19.41
CA ASP B 204 -0.39 -0.20 -20.63
C ASP B 204 -0.68 -0.99 -21.88
N VAL B 205 -0.52 -2.31 -21.81
CA VAL B 205 -0.87 -3.22 -22.88
C VAL B 205 -1.59 -4.40 -22.26
N ALA B 206 -2.63 -4.92 -22.89
CA ALA B 206 -3.23 -6.16 -22.44
C ALA B 206 -3.15 -7.18 -23.60
N LEU B 207 -2.72 -8.39 -23.33
CA LEU B 207 -2.70 -9.46 -24.30
C LEU B 207 -3.76 -10.41 -23.79
N ILE B 208 -4.85 -10.53 -24.55
CA ILE B 208 -5.98 -11.40 -24.16
C ILE B 208 -6.08 -12.63 -25.03
N GLY B 209 -6.04 -13.79 -24.38
CA GLY B 209 -6.11 -15.04 -25.10
C GLY B 209 -7.52 -15.45 -25.42
N THR B 210 -7.81 -15.57 -26.71
CA THR B 210 -9.15 -15.95 -27.18
C THR B 210 -9.06 -17.09 -28.20
N PRO B 211 -10.18 -17.74 -28.48
CA PRO B 211 -10.19 -18.81 -29.48
C PRO B 211 -9.73 -18.29 -30.83
N ASP B 212 -9.86 -16.99 -31.09
CA ASP B 212 -9.45 -16.46 -32.39
C ASP B 212 -7.98 -16.02 -32.41
N GLY B 213 -7.29 -16.17 -31.28
CA GLY B 213 -5.90 -15.75 -31.23
C GLY B 213 -5.71 -14.72 -30.12
N VAL B 214 -4.50 -14.20 -30.00
CA VAL B 214 -4.24 -13.25 -28.93
C VAL B 214 -4.65 -11.90 -29.41
N LYS B 215 -5.47 -11.21 -28.64
CA LYS B 215 -5.89 -9.86 -28.93
C LYS B 215 -5.05 -8.87 -28.13
N THR B 216 -4.50 -7.86 -28.81
CA THR B 216 -3.67 -6.86 -28.20
C THR B 216 -4.48 -5.59 -28.03
N ILE B 217 -4.54 -5.12 -26.81
CA ILE B 217 -5.20 -3.86 -26.52
C ILE B 217 -4.17 -2.93 -25.94
N VAL B 218 -4.04 -1.73 -26.50
CA VAL B 218 -3.12 -0.70 -26.01
C VAL B 218 -3.89 0.50 -25.47
#